data_1V83
#
_entry.id   1V83
#
_cell.length_a   61.737
_cell.length_b   85.701
_cell.length_c   122.911
_cell.angle_alpha   90.00
_cell.angle_beta   90.00
_cell.angle_gamma   90.00
#
_symmetry.space_group_name_H-M   'P 21 21 21'
#
loop_
_entity.id
_entity.type
_entity.pdbx_description
1 polymer 'Galactosylgalactosylxylosylprotein 3-beta-glucuronosyltransferase 1'
2 non-polymer 'MANGANESE (II) ION'
3 non-polymer 'L(+)-TARTARIC ACID'
4 non-polymer "URIDINE-5'-DIPHOSPHATE"
5 water water
#
_entity_poly.entity_id   1
_entity_poly.type   'polypeptide(L)'
_entity_poly.pdbx_seq_one_letter_code
;ALPTIHVVTPTYSRPVQKAELTRMANTLLHVPNLHWLVVEDAPRRTPLTARLLRDTGLNYTHLHVETPRNYKLRGDARDP
RIPRGTMQRNLALRWLRETFPRNSSQPGVVYFADDDNTYSLELFEEMRSTRRVSVWPVAFVGGLRYEAPRVNGAGKVVRW
KTVFDPHRPFAIDMAGFAVNLRLILQRSQAYFKLRGVKGGYQESSLLRELVTLNDLEPKAANCTKILVWHTRTEKPVLVN
EGKKGFTDPSVEI
;
_entity_poly.pdbx_strand_id   A,B
#
loop_
_chem_comp.id
_chem_comp.type
_chem_comp.name
_chem_comp.formula
MN non-polymer 'MANGANESE (II) ION' 'Mn 2'
TLA non-polymer 'L(+)-TARTARIC ACID' 'C4 H6 O6'
UDP RNA linking URIDINE-5'-DIPHOSPHATE 'C9 H14 N2 O12 P2'
#
# COMPACT_ATOMS: atom_id res chain seq x y z
N LEU A 2 10.14 -21.82 13.81
CA LEU A 2 9.70 -20.47 13.37
C LEU A 2 8.25 -20.26 13.80
N PRO A 3 8.03 -19.54 14.91
CA PRO A 3 6.68 -19.27 15.43
C PRO A 3 5.73 -18.70 14.37
N THR A 4 4.46 -19.09 14.44
CA THR A 4 3.46 -18.61 13.50
C THR A 4 2.96 -17.23 13.90
N ILE A 5 2.87 -16.32 12.94
CA ILE A 5 2.36 -14.99 13.23
C ILE A 5 0.92 -14.95 12.74
N HIS A 6 -0.01 -14.79 13.68
CA HIS A 6 -1.43 -14.70 13.38
C HIS A 6 -1.77 -13.22 13.22
N VAL A 7 -1.95 -12.79 11.98
CA VAL A 7 -2.27 -11.39 11.69
C VAL A 7 -3.77 -11.20 11.63
N VAL A 8 -4.29 -10.43 12.60
CA VAL A 8 -5.71 -10.17 12.68
C VAL A 8 -6.05 -8.87 11.96
N THR A 9 -6.83 -9.01 10.90
CA THR A 9 -7.19 -7.87 10.10
C THR A 9 -8.67 -7.64 9.85
N PRO A 10 -9.24 -6.62 10.51
CA PRO A 10 -10.65 -6.35 10.29
C PRO A 10 -10.71 -5.62 8.95
N THR A 11 -11.77 -5.84 8.19
CA THR A 11 -11.90 -5.17 6.90
C THR A 11 -13.38 -5.03 6.60
N TYR A 12 -13.72 -4.06 5.76
CA TYR A 12 -15.11 -3.82 5.40
C TYR A 12 -15.20 -3.38 3.96
N SER A 13 -16.38 -3.57 3.38
CA SER A 13 -16.62 -3.22 1.99
C SER A 13 -16.71 -1.72 1.75
N ARG A 14 -15.85 -1.23 0.87
CA ARG A 14 -15.86 0.17 0.45
C ARG A 14 -14.96 0.21 -0.78
N PRO A 15 -15.11 1.22 -1.63
CA PRO A 15 -14.33 1.37 -2.87
C PRO A 15 -12.86 0.91 -2.86
N VAL A 16 -12.05 1.43 -1.94
CA VAL A 16 -10.64 1.06 -1.90
C VAL A 16 -10.31 -0.27 -1.23
N GLN A 17 -11.31 -1.02 -0.79
CA GLN A 17 -11.03 -2.29 -0.11
C GLN A 17 -10.15 -3.27 -0.87
N LYS A 18 -10.51 -3.59 -2.11
CA LYS A 18 -9.74 -4.55 -2.88
C LYS A 18 -8.28 -4.10 -3.02
N ALA A 19 -8.08 -2.82 -3.29
CA ALA A 19 -6.74 -2.28 -3.44
C ALA A 19 -5.96 -2.42 -2.11
N GLU A 20 -6.61 -2.09 -1.00
CA GLU A 20 -5.96 -2.18 0.31
C GLU A 20 -5.52 -3.60 0.60
N LEU A 21 -6.42 -4.55 0.39
CA LEU A 21 -6.13 -5.95 0.64
C LEU A 21 -5.08 -6.48 -0.33
N THR A 22 -5.07 -5.94 -1.55
CA THR A 22 -4.10 -6.37 -2.54
C THR A 22 -2.69 -5.94 -2.16
N ARG A 23 -2.48 -4.66 -1.85
CA ARG A 23 -1.11 -4.27 -1.50
C ARG A 23 -0.70 -4.81 -0.15
N MET A 24 -1.66 -5.10 0.73
CA MET A 24 -1.30 -5.67 2.02
C MET A 24 -0.88 -7.13 1.78
N ALA A 25 -1.64 -7.81 0.92
CA ALA A 25 -1.34 -9.21 0.60
C ALA A 25 0.06 -9.32 -0.03
N ASN A 26 0.38 -8.37 -0.91
CA ASN A 26 1.67 -8.35 -1.58
C ASN A 26 2.82 -8.26 -0.57
N THR A 27 2.57 -7.63 0.57
CA THR A 27 3.59 -7.52 1.61
C THR A 27 3.63 -8.82 2.41
N LEU A 28 2.47 -9.27 2.87
CA LEU A 28 2.35 -10.49 3.65
C LEU A 28 2.87 -11.75 2.95
N LEU A 29 2.75 -11.79 1.62
CA LEU A 29 3.21 -12.94 0.86
C LEU A 29 4.70 -13.26 1.07
N HIS A 30 5.47 -12.25 1.48
CA HIS A 30 6.91 -12.43 1.72
C HIS A 30 7.23 -13.03 3.08
N VAL A 31 6.24 -13.00 3.98
CA VAL A 31 6.46 -13.46 5.35
C VAL A 31 6.14 -14.94 5.57
N PRO A 32 7.16 -15.73 5.96
CA PRO A 32 6.95 -17.16 6.19
C PRO A 32 6.19 -17.42 7.48
N ASN A 33 5.52 -18.56 7.54
CA ASN A 33 4.76 -18.95 8.72
C ASN A 33 3.86 -17.84 9.22
N LEU A 34 3.03 -17.33 8.31
CA LEU A 34 2.09 -16.26 8.63
C LEU A 34 0.68 -16.78 8.36
N HIS A 35 -0.20 -16.57 9.34
CA HIS A 35 -1.60 -16.98 9.24
C HIS A 35 -2.43 -15.69 9.20
N TRP A 36 -3.05 -15.40 8.07
CA TRP A 36 -3.84 -14.18 7.96
C TRP A 36 -5.29 -14.43 8.36
N LEU A 37 -5.67 -13.83 9.49
CA LEU A 37 -7.02 -13.95 10.03
C LEU A 37 -7.79 -12.71 9.63
N VAL A 38 -8.46 -12.78 8.49
CA VAL A 38 -9.24 -11.68 7.95
C VAL A 38 -10.67 -11.76 8.44
N VAL A 39 -11.11 -10.71 9.13
CA VAL A 39 -12.46 -10.68 9.69
C VAL A 39 -13.27 -9.55 9.05
N GLU A 40 -14.18 -9.93 8.17
CA GLU A 40 -15.02 -8.95 7.51
C GLU A 40 -16.12 -8.39 8.39
N ASP A 41 -16.33 -7.09 8.29
CA ASP A 41 -17.38 -6.41 9.03
C ASP A 41 -18.58 -6.48 8.07
N ALA A 42 -19.23 -7.64 8.05
CA ALA A 42 -20.36 -7.88 7.18
C ALA A 42 -21.17 -9.08 7.68
N PRO A 43 -22.45 -9.18 7.25
CA PRO A 43 -23.33 -10.29 7.66
C PRO A 43 -22.91 -11.65 7.12
N ARG A 44 -22.12 -11.63 6.06
CA ARG A 44 -21.63 -12.88 5.45
C ARG A 44 -20.35 -12.62 4.67
N ARG A 45 -19.61 -13.70 4.41
CA ARG A 45 -18.35 -13.59 3.65
C ARG A 45 -18.65 -13.09 2.25
N THR A 46 -18.00 -12.00 1.85
CA THR A 46 -18.23 -11.44 0.53
C THR A 46 -17.41 -12.20 -0.51
N PRO A 47 -17.95 -12.33 -1.74
CA PRO A 47 -17.23 -13.04 -2.80
C PRO A 47 -15.90 -12.35 -3.12
N LEU A 48 -15.89 -11.02 -3.05
CA LEU A 48 -14.69 -10.24 -3.33
C LEU A 48 -13.55 -10.69 -2.42
N THR A 49 -13.79 -10.68 -1.11
CA THR A 49 -12.77 -11.08 -0.17
C THR A 49 -12.47 -12.57 -0.23
N ALA A 50 -13.50 -13.38 -0.43
CA ALA A 50 -13.33 -14.82 -0.52
C ALA A 50 -12.39 -15.17 -1.68
N ARG A 51 -12.65 -14.57 -2.84
CA ARG A 51 -11.86 -14.83 -4.03
C ARG A 51 -10.43 -14.31 -3.90
N LEU A 52 -10.29 -13.08 -3.39
CA LEU A 52 -8.97 -12.48 -3.23
C LEU A 52 -8.08 -13.33 -2.31
N LEU A 53 -8.61 -13.72 -1.17
CA LEU A 53 -7.84 -14.55 -0.23
C LEU A 53 -7.44 -15.88 -0.84
N ARG A 54 -8.35 -16.49 -1.59
CA ARG A 54 -8.06 -17.76 -2.21
C ARG A 54 -6.94 -17.62 -3.24
N ASP A 55 -6.99 -16.55 -4.03
CA ASP A 55 -5.99 -16.33 -5.07
C ASP A 55 -4.61 -15.86 -4.60
N THR A 56 -4.50 -15.31 -3.39
CA THR A 56 -3.21 -14.84 -2.90
C THR A 56 -2.22 -15.98 -2.66
N GLY A 57 -2.72 -17.11 -2.21
CA GLY A 57 -1.86 -18.25 -1.94
C GLY A 57 -1.38 -18.21 -0.50
N LEU A 58 -1.88 -17.24 0.26
CA LEU A 58 -1.53 -17.08 1.66
C LEU A 58 -2.30 -18.07 2.53
N ASN A 59 -1.74 -18.38 3.70
CA ASN A 59 -2.42 -19.26 4.64
C ASN A 59 -3.39 -18.30 5.32
N TYR A 60 -4.68 -18.63 5.30
CA TYR A 60 -5.65 -17.73 5.90
C TYR A 60 -6.90 -18.41 6.46
N THR A 61 -7.61 -17.64 7.27
CA THR A 61 -8.87 -18.07 7.85
C THR A 61 -9.77 -16.87 7.61
N HIS A 62 -10.84 -17.09 6.87
CA HIS A 62 -11.78 -16.03 6.53
C HIS A 62 -13.00 -16.09 7.45
N LEU A 63 -13.07 -15.13 8.38
CA LEU A 63 -14.16 -15.04 9.33
C LEU A 63 -15.00 -13.79 9.06
N HIS A 64 -16.10 -13.65 9.80
CA HIS A 64 -16.95 -12.49 9.61
C HIS A 64 -17.93 -12.28 10.76
N VAL A 65 -18.21 -11.01 11.06
CA VAL A 65 -19.17 -10.63 12.08
C VAL A 65 -19.53 -9.20 11.72
N GLU A 66 -20.82 -8.92 11.70
CA GLU A 66 -21.26 -7.59 11.35
C GLU A 66 -21.39 -6.72 12.56
N THR A 67 -20.84 -5.52 12.48
CA THR A 67 -20.95 -4.57 13.58
C THR A 67 -22.34 -3.99 13.38
N PRO A 68 -23.26 -4.27 14.31
CA PRO A 68 -24.64 -3.77 14.20
C PRO A 68 -24.72 -2.36 13.62
N ARG A 69 -25.58 -2.19 12.62
CA ARG A 69 -25.78 -0.90 11.96
C ARG A 69 -25.94 0.17 13.02
N ASN A 70 -26.72 -0.16 14.05
CA ASN A 70 -26.98 0.73 15.17
C ASN A 70 -25.68 1.25 15.78
N TYR A 71 -24.72 0.35 16.00
CA TYR A 71 -23.43 0.69 16.60
C TYR A 71 -22.59 1.66 15.78
N LYS A 72 -22.83 1.73 14.49
CA LYS A 72 -22.07 2.62 13.61
C LYS A 72 -22.75 3.99 13.46
N LEU A 73 -23.95 4.10 14.03
CA LEU A 73 -24.70 5.35 13.95
C LEU A 73 -24.60 6.16 15.24
N ARG A 81 -19.40 5.42 21.57
CA ARG A 81 -17.99 5.42 21.21
C ARG A 81 -17.45 4.01 21.05
N ILE A 82 -17.55 3.48 19.83
CA ILE A 82 -17.09 2.13 19.52
C ILE A 82 -16.03 2.19 18.41
N PRO A 83 -14.76 1.94 18.76
CA PRO A 83 -13.66 1.96 17.79
C PRO A 83 -13.90 1.05 16.60
N ARG A 84 -13.43 1.49 15.43
CA ARG A 84 -13.60 0.74 14.20
C ARG A 84 -12.88 -0.61 14.30
N GLY A 85 -13.53 -1.67 13.82
CA GLY A 85 -12.93 -2.99 13.84
C GLY A 85 -12.91 -3.71 15.17
N THR A 86 -13.45 -3.09 16.21
CA THR A 86 -13.47 -3.69 17.55
C THR A 86 -14.10 -5.07 17.60
N MET A 87 -15.34 -5.20 17.17
CA MET A 87 -16.01 -6.50 17.20
C MET A 87 -15.28 -7.53 16.35
N GLN A 88 -14.62 -7.07 15.30
CA GLN A 88 -13.88 -7.96 14.41
C GLN A 88 -12.62 -8.50 15.09
N ARG A 89 -11.90 -7.65 15.82
CA ARG A 89 -10.69 -8.11 16.50
C ARG A 89 -11.09 -9.07 17.62
N ASN A 90 -12.16 -8.74 18.32
CA ASN A 90 -12.64 -9.59 19.42
C ASN A 90 -13.09 -10.95 18.87
N LEU A 91 -13.67 -10.96 17.69
CA LEU A 91 -14.12 -12.21 17.10
C LEU A 91 -12.90 -13.10 16.86
N ALA A 92 -11.80 -12.50 16.39
CA ALA A 92 -10.59 -13.24 16.13
C ALA A 92 -10.01 -13.77 17.44
N LEU A 93 -10.04 -12.96 18.48
CA LEU A 93 -9.54 -13.40 19.78
C LEU A 93 -10.31 -14.62 20.26
N ARG A 94 -11.63 -14.59 20.08
CA ARG A 94 -12.47 -15.72 20.49
C ARG A 94 -12.16 -16.94 19.62
N TRP A 95 -11.98 -16.73 18.33
CA TRP A 95 -11.67 -17.82 17.40
C TRP A 95 -10.36 -18.50 17.79
N LEU A 96 -9.36 -17.71 18.17
CA LEU A 96 -8.07 -18.28 18.56
C LEU A 96 -8.25 -19.16 19.80
N ARG A 97 -9.03 -18.67 20.76
CA ARG A 97 -9.26 -19.40 22.00
C ARG A 97 -10.13 -20.65 21.82
N GLU A 98 -10.95 -20.67 20.78
CA GLU A 98 -11.79 -21.82 20.51
C GLU A 98 -11.08 -22.84 19.62
N THR A 99 -9.98 -22.42 19.02
CA THR A 99 -9.21 -23.27 18.11
C THR A 99 -7.97 -23.88 18.76
N PHE A 100 -7.32 -23.12 19.63
CA PHE A 100 -6.09 -23.57 20.29
C PHE A 100 -6.31 -23.82 21.78
N PRO A 101 -6.07 -25.06 22.24
CA PRO A 101 -6.25 -25.39 23.65
C PRO A 101 -5.40 -24.50 24.55
N ARG A 102 -5.92 -24.20 25.74
CA ARG A 102 -5.23 -23.34 26.70
C ARG A 102 -3.74 -23.66 26.82
N ASN A 103 -3.43 -24.95 26.97
CA ASN A 103 -2.03 -25.39 27.07
C ASN A 103 -1.57 -25.96 25.74
N SER A 104 -1.87 -25.25 24.66
CA SER A 104 -1.50 -25.67 23.31
C SER A 104 0.00 -25.90 23.21
N SER A 105 0.78 -25.09 23.93
CA SER A 105 2.23 -25.19 23.91
C SER A 105 2.74 -25.03 22.49
N GLN A 106 1.93 -24.41 21.64
CA GLN A 106 2.30 -24.18 20.25
C GLN A 106 2.74 -22.75 20.02
N PRO A 107 3.99 -22.54 19.60
CA PRO A 107 4.56 -21.23 19.35
C PRO A 107 3.74 -20.38 18.39
N GLY A 108 3.36 -19.19 18.85
CA GLY A 108 2.57 -18.29 18.02
C GLY A 108 2.55 -16.88 18.58
N VAL A 109 2.27 -15.91 17.71
CA VAL A 109 2.20 -14.51 18.10
C VAL A 109 1.00 -13.89 17.41
N VAL A 110 0.31 -12.98 18.10
CA VAL A 110 -0.86 -12.33 17.54
C VAL A 110 -0.61 -10.85 17.31
N TYR A 111 -0.96 -10.38 16.13
CA TYR A 111 -0.76 -9.00 15.73
C TYR A 111 -2.02 -8.45 15.07
N PHE A 112 -2.51 -7.31 15.56
CA PHE A 112 -3.70 -6.69 15.00
C PHE A 112 -3.26 -5.66 13.98
N ALA A 113 -3.40 -6.04 12.71
CA ALA A 113 -2.98 -5.21 11.58
C ALA A 113 -4.15 -4.70 10.75
N ASP A 114 -4.43 -3.40 10.84
CA ASP A 114 -5.51 -2.78 10.08
C ASP A 114 -5.18 -2.85 8.60
N ASP A 115 -6.20 -2.83 7.73
CA ASP A 115 -5.91 -2.96 6.29
C ASP A 115 -5.40 -1.75 5.51
N ASP A 116 -5.20 -0.61 6.18
CA ASP A 116 -4.69 0.57 5.48
C ASP A 116 -3.27 1.01 5.89
N ASN A 117 -2.72 0.40 6.94
CA ASN A 117 -1.37 0.72 7.40
C ASN A 117 -0.34 0.18 6.41
N THR A 118 0.91 0.64 6.54
CA THR A 118 2.01 0.16 5.69
C THR A 118 2.93 -0.61 6.62
N TYR A 119 3.31 -1.83 6.23
CA TYR A 119 4.15 -2.68 7.05
C TYR A 119 5.44 -3.10 6.36
N SER A 120 6.55 -3.03 7.08
CA SER A 120 7.82 -3.44 6.51
C SER A 120 7.97 -4.93 6.81
N LEU A 121 8.81 -5.61 6.04
CA LEU A 121 9.03 -7.02 6.26
C LEU A 121 9.78 -7.23 7.58
N GLU A 122 10.71 -6.33 7.89
CA GLU A 122 11.49 -6.44 9.11
C GLU A 122 10.61 -6.45 10.36
N LEU A 123 9.47 -5.75 10.30
CA LEU A 123 8.54 -5.69 11.42
C LEU A 123 8.12 -7.08 11.91
N PHE A 124 7.77 -7.94 10.96
CA PHE A 124 7.33 -9.28 11.31
C PHE A 124 8.39 -10.12 11.98
N GLU A 125 9.65 -9.94 11.58
CA GLU A 125 10.70 -10.72 12.19
C GLU A 125 10.98 -10.18 13.59
N GLU A 126 10.75 -8.88 13.80
CA GLU A 126 10.94 -8.29 15.12
C GLU A 126 9.92 -8.86 16.12
N MET A 127 8.67 -8.96 15.70
CA MET A 127 7.61 -9.44 16.57
C MET A 127 7.52 -10.97 16.73
N ARG A 128 8.06 -11.71 15.76
CA ARG A 128 7.95 -13.17 15.81
C ARG A 128 8.46 -13.84 17.08
N SER A 129 9.49 -13.27 17.71
CA SER A 129 10.06 -13.86 18.92
C SER A 129 9.41 -13.43 20.24
N THR A 130 8.30 -12.71 20.16
CA THR A 130 7.59 -12.22 21.35
C THR A 130 7.29 -13.30 22.38
N ARG A 131 7.68 -13.06 23.64
CA ARG A 131 7.43 -14.01 24.71
C ARG A 131 6.18 -13.65 25.50
N ARG A 132 5.91 -12.35 25.60
CA ARG A 132 4.74 -11.86 26.32
C ARG A 132 4.05 -10.84 25.41
N VAL A 133 4.50 -9.59 25.47
CA VAL A 133 3.98 -8.52 24.63
C VAL A 133 5.15 -7.64 24.18
N SER A 134 5.28 -7.44 22.88
CA SER A 134 6.36 -6.60 22.35
C SER A 134 5.78 -5.29 21.85
N VAL A 135 6.61 -4.24 21.87
CA VAL A 135 6.18 -2.92 21.41
C VAL A 135 7.27 -2.23 20.59
N TRP A 136 6.84 -1.30 19.73
CA TRP A 136 7.76 -0.58 18.85
C TRP A 136 7.15 0.74 18.39
N PRO A 137 7.98 1.63 17.81
CA PRO A 137 7.49 2.92 17.32
C PRO A 137 6.53 2.76 16.14
N VAL A 138 5.59 3.70 16.02
CA VAL A 138 4.62 3.69 14.93
C VAL A 138 4.53 5.11 14.37
N ALA A 139 4.71 5.25 13.06
CA ALA A 139 4.65 6.57 12.44
C ALA A 139 3.21 7.03 12.22
N PHE A 140 3.04 8.35 12.21
CA PHE A 140 1.74 8.97 11.96
C PHE A 140 0.59 8.66 12.91
N VAL A 141 0.88 8.70 14.21
CA VAL A 141 -0.16 8.47 15.20
C VAL A 141 0.00 9.54 16.29
N GLY A 142 -1.07 9.82 17.01
CA GLY A 142 -1.02 10.81 18.08
C GLY A 142 -0.63 12.22 17.62
N GLY A 143 -0.96 12.56 16.39
CA GLY A 143 -0.63 13.88 15.85
C GLY A 143 0.85 14.15 15.78
N LEU A 144 1.64 13.09 15.68
CA LEU A 144 3.10 13.21 15.61
C LEU A 144 3.69 12.47 14.41
N ARG A 145 4.97 12.73 14.13
CA ARG A 145 5.67 12.04 13.06
C ARG A 145 5.66 10.56 13.46
N TYR A 146 5.71 10.30 14.76
CA TYR A 146 5.68 8.94 15.29
C TYR A 146 5.62 8.91 16.82
N GLU A 147 5.09 7.83 17.37
CA GLU A 147 5.03 7.63 18.82
C GLU A 147 5.98 6.48 19.08
N ALA A 148 6.74 6.57 20.17
CA ALA A 148 7.69 5.51 20.50
C ALA A 148 7.75 5.22 21.98
N PRO A 149 7.82 3.92 22.35
CA PRO A 149 7.89 3.58 23.77
C PRO A 149 9.22 4.11 24.29
N ARG A 150 9.28 4.43 25.58
CA ARG A 150 10.53 4.92 26.16
C ARG A 150 11.11 3.79 27.00
N VAL A 151 12.40 3.49 26.78
CA VAL A 151 13.06 2.38 27.45
C VAL A 151 14.21 2.83 28.36
N ASN A 152 14.40 2.16 29.49
CA ASN A 152 15.50 2.53 30.37
C ASN A 152 16.75 1.68 30.10
N GLY A 153 17.85 1.97 30.79
CA GLY A 153 19.08 1.24 30.58
C GLY A 153 19.01 -0.24 30.88
N ALA A 154 18.01 -0.63 31.67
CA ALA A 154 17.83 -2.03 32.02
C ALA A 154 17.11 -2.77 30.91
N GLY A 155 16.70 -2.04 29.87
CA GLY A 155 16.00 -2.65 28.75
C GLY A 155 14.51 -2.79 28.95
N LYS A 156 13.98 -2.07 29.93
CA LYS A 156 12.55 -2.12 30.24
C LYS A 156 11.84 -0.86 29.77
N VAL A 157 10.61 -1.03 29.31
CA VAL A 157 9.81 0.12 28.89
C VAL A 157 9.41 0.82 30.18
N VAL A 158 9.67 2.13 30.28
CA VAL A 158 9.33 2.87 31.48
C VAL A 158 8.33 3.99 31.23
N ARG A 159 7.87 4.11 29.98
CA ARG A 159 6.90 5.13 29.61
C ARG A 159 6.72 5.22 28.11
N TRP A 160 6.13 6.31 27.66
CA TRP A 160 5.85 6.48 26.25
C TRP A 160 6.13 7.89 25.75
N LYS A 161 6.77 7.98 24.59
CA LYS A 161 7.09 9.27 24.00
C LYS A 161 5.92 9.69 23.12
N THR A 162 4.94 10.34 23.75
CA THR A 162 3.75 10.80 23.05
C THR A 162 3.33 12.16 23.63
N VAL A 163 2.46 12.85 22.91
CA VAL A 163 1.98 14.15 23.37
C VAL A 163 0.57 13.96 23.93
N PHE A 164 -0.19 13.06 23.30
CA PHE A 164 -1.53 12.78 23.78
C PHE A 164 -1.44 11.73 24.89
N ASP A 165 -2.02 12.05 26.05
CA ASP A 165 -2.03 11.20 27.22
C ASP A 165 -0.89 10.21 27.34
N PRO A 166 0.35 10.71 27.46
CA PRO A 166 1.52 9.84 27.57
C PRO A 166 1.57 9.04 28.87
N HIS A 167 0.69 9.37 29.81
CA HIS A 167 0.71 8.70 31.09
C HIS A 167 -0.35 7.62 31.27
N ARG A 168 -1.04 7.28 30.18
CA ARG A 168 -2.04 6.23 30.23
C ARG A 168 -1.27 4.91 30.35
N PRO A 169 -1.95 3.83 30.78
CA PRO A 169 -1.31 2.52 30.93
C PRO A 169 -0.43 2.12 29.76
N PHE A 170 -0.98 2.20 28.55
CA PHE A 170 -0.23 1.85 27.35
C PHE A 170 -0.55 2.85 26.26
N ALA A 171 0.28 3.89 26.16
CA ALA A 171 0.10 4.93 25.16
C ALA A 171 0.70 4.45 23.85
N ILE A 172 -0.03 3.56 23.18
CA ILE A 172 0.46 3.00 21.94
C ILE A 172 -0.66 2.61 20.98
N ASP A 173 -0.38 2.71 19.70
CA ASP A 173 -1.35 2.37 18.67
C ASP A 173 -1.44 0.85 18.43
N MET A 174 -2.58 0.43 17.91
CA MET A 174 -2.87 -0.97 17.60
C MET A 174 -1.73 -1.63 16.80
N ALA A 175 -1.13 -0.87 15.89
CA ALA A 175 -0.06 -1.40 15.05
C ALA A 175 1.30 -1.46 15.74
N GLY A 176 1.36 -0.98 16.98
CA GLY A 176 2.62 -0.94 17.70
C GLY A 176 2.96 -2.05 18.69
N PHE A 177 2.16 -3.11 18.73
CA PHE A 177 2.44 -4.21 19.65
C PHE A 177 1.96 -5.55 19.11
N ALA A 178 2.48 -6.62 19.70
CA ALA A 178 2.11 -7.97 19.33
C ALA A 178 2.06 -8.76 20.63
N VAL A 179 1.21 -9.79 20.68
CA VAL A 179 1.05 -10.59 21.88
C VAL A 179 1.34 -12.07 21.65
N ASN A 180 2.09 -12.66 22.58
CA ASN A 180 2.39 -14.08 22.51
C ASN A 180 1.05 -14.82 22.54
N LEU A 181 0.85 -15.78 21.63
CA LEU A 181 -0.42 -16.51 21.57
C LEU A 181 -0.79 -17.20 22.88
N ARG A 182 0.19 -17.83 23.52
CA ARG A 182 -0.08 -18.52 24.78
C ARG A 182 -0.70 -17.58 25.81
N LEU A 183 -0.20 -16.34 25.85
CA LEU A 183 -0.71 -15.35 26.79
C LEU A 183 -2.18 -15.05 26.48
N ILE A 184 -2.52 -14.99 25.21
CA ILE A 184 -3.89 -14.73 24.76
C ILE A 184 -4.79 -15.87 25.22
N LEU A 185 -4.31 -17.10 25.05
CA LEU A 185 -5.06 -18.29 25.43
C LEU A 185 -5.20 -18.40 26.95
N GLN A 186 -4.16 -17.98 27.67
CA GLN A 186 -4.16 -18.04 29.13
C GLN A 186 -5.16 -17.06 29.73
N ARG A 187 -5.11 -15.81 29.27
CA ARG A 187 -6.02 -14.78 29.73
C ARG A 187 -7.23 -14.83 28.81
N SER A 188 -8.03 -15.89 28.97
CA SER A 188 -9.19 -16.13 28.13
C SER A 188 -10.31 -15.08 28.18
N GLN A 189 -10.34 -14.28 29.24
CA GLN A 189 -11.37 -13.26 29.40
C GLN A 189 -11.00 -11.87 28.88
N ALA A 190 -9.78 -11.73 28.38
CA ALA A 190 -9.31 -10.44 27.89
C ALA A 190 -9.72 -10.11 26.46
N TYR A 191 -10.53 -9.07 26.32
CA TYR A 191 -11.00 -8.60 25.02
C TYR A 191 -10.92 -7.08 25.00
N PHE A 192 -10.97 -6.50 23.80
CA PHE A 192 -10.94 -5.05 23.69
C PHE A 192 -12.27 -4.55 24.21
N LYS A 193 -12.24 -3.40 24.89
CA LYS A 193 -13.45 -2.79 25.41
C LYS A 193 -14.33 -2.37 24.23
N LEU A 194 -15.56 -2.86 24.22
CA LEU A 194 -16.50 -2.57 23.13
C LEU A 194 -16.91 -1.12 23.05
N ARG A 195 -17.53 -0.61 24.12
CA ARG A 195 -17.98 0.77 24.14
C ARG A 195 -17.63 1.53 25.41
N GLY A 196 -17.82 2.85 25.37
CA GLY A 196 -17.51 3.69 26.50
C GLY A 196 -16.08 4.19 26.41
N VAL A 197 -15.22 3.34 25.86
CA VAL A 197 -13.80 3.62 25.68
C VAL A 197 -13.41 5.08 25.48
N LYS A 198 -12.59 5.61 26.38
CA LYS A 198 -12.12 6.99 26.24
C LYS A 198 -11.27 6.93 24.98
N GLY A 199 -11.31 7.99 24.18
CA GLY A 199 -10.51 8.00 22.96
C GLY A 199 -9.06 7.70 23.24
N GLY A 200 -8.48 6.75 22.51
CA GLY A 200 -7.09 6.41 22.70
C GLY A 200 -6.77 5.46 23.83
N TYR A 201 -7.80 4.82 24.40
CA TYR A 201 -7.58 3.88 25.49
C TYR A 201 -7.92 2.44 25.17
N GLN A 202 -8.34 2.19 23.93
CA GLN A 202 -8.70 0.84 23.51
C GLN A 202 -7.56 -0.16 23.68
N GLU A 203 -6.37 0.22 23.25
CA GLU A 203 -5.22 -0.67 23.36
C GLU A 203 -4.92 -0.99 24.82
N SER A 204 -5.01 0.01 25.69
CA SER A 204 -4.77 -0.21 27.12
C SER A 204 -5.80 -1.16 27.72
N SER A 205 -7.05 -1.06 27.27
CA SER A 205 -8.12 -1.90 27.80
C SER A 205 -7.79 -3.39 27.70
N LEU A 206 -7.12 -3.77 26.62
CA LEU A 206 -6.73 -5.16 26.44
C LEU A 206 -5.40 -5.46 27.13
N LEU A 207 -4.40 -4.65 26.83
CA LEU A 207 -3.06 -4.84 27.38
C LEU A 207 -2.97 -4.86 28.90
N ARG A 208 -3.79 -4.06 29.57
CA ARG A 208 -3.74 -4.03 31.03
C ARG A 208 -4.14 -5.38 31.64
N GLU A 209 -4.91 -6.16 30.91
CA GLU A 209 -5.34 -7.46 31.41
C GLU A 209 -4.37 -8.56 30.97
N LEU A 210 -3.36 -8.20 30.20
CA LEU A 210 -2.38 -9.16 29.71
C LEU A 210 -0.97 -9.00 30.25
N VAL A 211 -0.54 -7.77 30.47
CA VAL A 211 0.82 -7.57 30.91
C VAL A 211 1.05 -6.30 31.72
N THR A 212 2.21 -6.21 32.34
CA THR A 212 2.58 -5.04 33.11
C THR A 212 3.63 -4.33 32.26
N LEU A 213 3.89 -3.06 32.57
CA LEU A 213 4.86 -2.29 31.82
C LEU A 213 6.21 -3.01 31.84
N ASN A 214 6.60 -3.51 33.01
CA ASN A 214 7.87 -4.20 33.18
C ASN A 214 8.04 -5.48 32.36
N ASP A 215 6.94 -6.06 31.88
CA ASP A 215 7.06 -7.28 31.10
C ASP A 215 7.04 -7.05 29.59
N LEU A 216 7.00 -5.78 29.19
CA LEU A 216 7.00 -5.45 27.78
C LEU A 216 8.38 -5.68 27.18
N GLU A 217 8.41 -6.09 25.92
CA GLU A 217 9.65 -6.37 25.21
C GLU A 217 9.85 -5.34 24.09
N PRO A 218 10.77 -4.39 24.28
CA PRO A 218 11.03 -3.36 23.26
C PRO A 218 11.71 -3.93 22.02
N LYS A 219 11.17 -3.58 20.86
CA LYS A 219 11.72 -4.04 19.59
C LYS A 219 12.12 -2.85 18.71
N ALA A 220 12.52 -3.15 17.48
CA ALA A 220 12.93 -2.12 16.53
C ALA A 220 14.12 -1.34 17.06
N ALA A 221 15.23 -2.04 17.27
CA ALA A 221 16.47 -1.43 17.76
C ALA A 221 16.25 -0.65 19.06
N ASN A 222 15.56 -1.28 20.00
CA ASN A 222 15.28 -0.66 21.29
C ASN A 222 14.40 0.59 21.12
N CYS A 223 13.43 0.47 20.23
CA CYS A 223 12.48 1.52 19.93
C CYS A 223 13.10 2.82 19.39
N THR A 224 14.03 2.68 18.46
CA THR A 224 14.67 3.83 17.85
C THR A 224 14.42 3.83 16.33
N LYS A 225 13.70 2.82 15.85
CA LYS A 225 13.42 2.70 14.42
C LYS A 225 11.94 2.59 14.11
N ILE A 226 11.54 3.13 12.96
CA ILE A 226 10.14 3.09 12.50
C ILE A 226 10.02 1.98 11.47
N LEU A 227 9.24 0.95 11.80
CA LEU A 227 9.06 -0.21 10.93
C LEU A 227 7.61 -0.40 10.46
N VAL A 228 6.72 0.48 10.92
CA VAL A 228 5.32 0.40 10.52
C VAL A 228 4.77 1.82 10.47
N TRP A 229 3.90 2.10 9.51
CA TRP A 229 3.34 3.43 9.34
C TRP A 229 1.80 3.46 9.33
N HIS A 230 1.21 4.37 10.10
CA HIS A 230 -0.25 4.48 10.18
C HIS A 230 -0.79 5.33 9.03
N THR A 231 -0.57 4.85 7.81
CA THR A 231 -1.03 5.54 6.61
C THR A 231 -2.55 5.40 6.48
N ARG A 232 -3.17 6.39 5.84
CA ARG A 232 -4.62 6.40 5.62
C ARG A 232 -4.84 6.66 4.12
N THR A 233 -5.86 6.01 3.56
CA THR A 233 -6.15 6.17 2.14
C THR A 233 -7.30 7.14 1.86
N GLU A 234 -7.07 8.05 0.92
CA GLU A 234 -8.07 9.05 0.56
C GLU A 234 -9.31 8.41 -0.04
N LYS A 235 -10.45 9.06 0.15
CA LYS A 235 -11.70 8.58 -0.40
C LYS A 235 -11.69 8.92 -1.88
N PRO A 236 -11.99 7.94 -2.75
CA PRO A 236 -12.01 8.18 -4.20
C PRO A 236 -13.20 9.09 -4.57
N VAL A 237 -12.97 9.97 -5.53
CA VAL A 237 -14.02 10.88 -6.00
C VAL A 237 -14.81 10.19 -7.10
N LEU A 238 -16.09 9.95 -6.86
CA LEU A 238 -16.93 9.27 -7.84
C LEU A 238 -18.04 10.16 -8.40
N VAL A 239 -17.83 11.48 -8.33
CA VAL A 239 -18.80 12.45 -8.81
C VAL A 239 -19.29 12.24 -10.23
N ASN A 240 -18.41 11.81 -11.13
CA ASN A 240 -18.81 11.61 -12.52
C ASN A 240 -19.63 10.36 -12.75
N GLU A 241 -19.86 9.58 -11.69
CA GLU A 241 -20.67 8.37 -11.82
C GLU A 241 -22.13 8.76 -11.95
N GLY A 242 -22.47 9.95 -11.47
CA GLY A 242 -23.84 10.42 -11.53
C GLY A 242 -24.74 9.68 -10.57
N LYS A 243 -26.05 9.93 -10.68
CA LYS A 243 -27.01 9.28 -9.80
C LYS A 243 -27.38 7.88 -10.30
N LYS A 244 -27.44 7.72 -11.62
CA LYS A 244 -27.79 6.43 -12.22
C LYS A 244 -26.57 5.57 -12.52
N GLY A 245 -25.39 6.09 -12.21
CA GLY A 245 -24.17 5.34 -12.47
C GLY A 245 -23.68 5.43 -13.89
N PHE A 246 -22.36 5.32 -14.08
CA PHE A 246 -21.75 5.38 -15.39
C PHE A 246 -21.07 4.06 -15.71
N THR A 247 -20.19 3.61 -14.82
CA THR A 247 -19.48 2.36 -15.01
C THR A 247 -20.35 1.17 -14.66
N ASP A 248 -19.94 -0.01 -15.10
CA ASP A 248 -20.67 -1.24 -14.83
C ASP A 248 -20.48 -1.64 -13.37
N PRO A 249 -21.58 -1.77 -12.62
CA PRO A 249 -21.53 -2.14 -11.20
C PRO A 249 -21.13 -3.60 -10.98
N SER A 250 -21.11 -4.38 -12.06
CA SER A 250 -20.75 -5.79 -11.98
C SER A 250 -19.24 -5.96 -12.02
N VAL A 251 -18.55 -4.96 -12.54
CA VAL A 251 -17.10 -5.02 -12.64
C VAL A 251 -16.51 -4.77 -11.25
N GLU A 252 -15.82 -5.77 -10.72
CA GLU A 252 -15.24 -5.69 -9.38
C GLU A 252 -14.00 -4.79 -9.30
N ILE A 253 -14.03 -3.82 -8.39
CA ILE A 253 -12.89 -2.93 -8.20
C ILE A 253 -12.39 -3.02 -6.77
N ALA B 1 15.26 -14.48 -21.58
CA ALA B 1 14.33 -14.16 -22.71
C ALA B 1 13.17 -13.29 -22.24
N LEU B 2 12.80 -13.46 -20.97
CA LEU B 2 11.71 -12.70 -20.39
C LEU B 2 12.04 -11.20 -20.48
N PRO B 3 11.19 -10.42 -21.17
CA PRO B 3 11.43 -8.98 -21.32
C PRO B 3 11.58 -8.28 -19.97
N THR B 4 12.45 -7.28 -19.91
CA THR B 4 12.64 -6.53 -18.68
C THR B 4 11.61 -5.41 -18.59
N ILE B 5 10.99 -5.25 -17.44
CA ILE B 5 10.02 -4.17 -17.26
C ILE B 5 10.70 -3.04 -16.52
N HIS B 6 10.84 -1.91 -17.20
CA HIS B 6 11.46 -0.72 -16.62
C HIS B 6 10.33 0.11 -16.01
N VAL B 7 10.26 0.10 -14.68
CA VAL B 7 9.24 0.83 -13.95
C VAL B 7 9.76 2.22 -13.61
N VAL B 8 9.15 3.25 -14.21
CA VAL B 8 9.58 4.62 -13.99
C VAL B 8 8.74 5.26 -12.89
N THR B 9 9.38 5.56 -11.76
CA THR B 9 8.68 6.12 -10.62
C THR B 9 9.20 7.44 -10.09
N PRO B 10 8.47 8.53 -10.35
CA PRO B 10 8.89 9.84 -9.86
C PRO B 10 8.54 9.80 -8.38
N THR B 11 9.31 10.46 -7.54
CA THR B 11 9.01 10.46 -6.12
C THR B 11 9.56 11.75 -5.54
N TYR B 12 9.10 12.12 -4.35
CA TYR B 12 9.57 13.33 -3.72
C TYR B 12 9.49 13.20 -2.22
N SER B 13 10.26 14.05 -1.53
CA SER B 13 10.31 14.01 -0.08
C SER B 13 9.11 14.66 0.59
N ARG B 14 8.44 13.87 1.41
CA ARG B 14 7.29 14.31 2.21
C ARG B 14 7.10 13.18 3.20
N PRO B 15 6.43 13.46 4.33
CA PRO B 15 6.21 12.45 5.37
C PRO B 15 5.97 11.00 4.93
N VAL B 16 4.92 10.76 4.16
CA VAL B 16 4.59 9.40 3.75
C VAL B 16 5.48 8.77 2.66
N GLN B 17 6.51 9.48 2.21
CA GLN B 17 7.36 8.91 1.16
C GLN B 17 7.93 7.52 1.43
N LYS B 18 8.59 7.35 2.58
CA LYS B 18 9.20 6.06 2.89
C LYS B 18 8.17 4.94 2.93
N ALA B 19 6.99 5.23 3.48
CA ALA B 19 5.91 4.25 3.55
C ALA B 19 5.46 3.85 2.14
N GLU B 20 5.30 4.84 1.26
CA GLU B 20 4.87 4.57 -0.12
C GLU B 20 5.90 3.70 -0.85
N LEU B 21 7.16 4.07 -0.76
CA LEU B 21 8.22 3.31 -1.42
C LEU B 21 8.37 1.91 -0.85
N THR B 22 8.05 1.76 0.44
CA THR B 22 8.14 0.47 1.11
C THR B 22 7.07 -0.51 0.60
N ARG B 23 5.80 -0.11 0.60
CA ARG B 23 4.78 -1.03 0.12
C ARG B 23 4.87 -1.20 -1.40
N MET B 24 5.45 -0.24 -2.09
CA MET B 24 5.60 -0.38 -3.54
C MET B 24 6.71 -1.41 -3.79
N ALA B 25 7.80 -1.29 -3.04
CA ALA B 25 8.93 -2.22 -3.20
C ALA B 25 8.49 -3.63 -2.84
N ASN B 26 7.66 -3.75 -1.81
CA ASN B 26 7.16 -5.05 -1.39
C ASN B 26 6.36 -5.70 -2.52
N THR B 27 5.76 -4.89 -3.38
CA THR B 27 5.00 -5.42 -4.52
C THR B 27 5.99 -5.81 -5.62
N LEU B 28 6.88 -4.89 -5.95
CA LEU B 28 7.89 -5.10 -6.99
C LEU B 28 8.85 -6.27 -6.74
N LEU B 29 9.07 -6.59 -5.47
CA LEU B 29 9.97 -7.70 -5.13
C LEU B 29 9.48 -9.03 -5.69
N HIS B 30 8.20 -9.09 -6.01
CA HIS B 30 7.58 -10.30 -6.56
C HIS B 30 7.75 -10.41 -8.07
N VAL B 31 8.14 -9.32 -8.72
CA VAL B 31 8.25 -9.32 -10.18
C VAL B 31 9.63 -9.61 -10.74
N PRO B 32 9.76 -10.70 -11.51
CA PRO B 32 11.06 -11.05 -12.09
C PRO B 32 11.44 -10.08 -13.22
N ASN B 33 12.75 -10.01 -13.52
CA ASN B 33 13.26 -9.13 -14.57
C ASN B 33 12.61 -7.76 -14.50
N LEU B 34 12.78 -7.10 -13.37
CA LEU B 34 12.21 -5.77 -13.16
C LEU B 34 13.35 -4.80 -12.85
N HIS B 35 13.32 -3.65 -13.52
CA HIS B 35 14.32 -2.62 -13.34
C HIS B 35 13.56 -1.40 -12.82
N TRP B 36 13.83 -1.00 -11.59
CA TRP B 36 13.13 0.13 -10.99
C TRP B 36 13.90 1.44 -11.20
N LEU B 37 13.35 2.29 -12.07
CA LEU B 37 13.95 3.59 -12.36
C LEU B 37 13.28 4.61 -11.46
N VAL B 38 13.94 4.95 -10.35
CA VAL B 38 13.39 5.92 -9.41
C VAL B 38 14.05 7.28 -9.61
N VAL B 39 13.24 8.30 -9.88
CA VAL B 39 13.72 9.65 -10.12
C VAL B 39 13.14 10.58 -9.06
N GLU B 40 14.01 11.09 -8.20
CA GLU B 40 13.59 11.98 -7.13
C GLU B 40 13.44 13.42 -7.59
N ASP B 41 12.36 14.06 -7.16
CA ASP B 41 12.12 15.45 -7.47
C ASP B 41 12.86 16.20 -6.37
N ALA B 42 14.17 16.33 -6.54
CA ALA B 42 15.02 17.00 -5.56
C ALA B 42 16.34 17.44 -6.20
N PRO B 43 17.03 18.42 -5.59
CA PRO B 43 18.30 18.95 -6.10
C PRO B 43 19.43 17.92 -6.08
N ARG B 44 19.22 16.83 -5.35
CA ARG B 44 20.22 15.77 -5.26
C ARG B 44 19.58 14.53 -4.68
N ARG B 45 20.22 13.37 -4.90
CA ARG B 45 19.71 12.11 -4.38
C ARG B 45 19.70 12.17 -2.86
N THR B 46 18.60 11.72 -2.25
CA THR B 46 18.50 11.73 -0.80
C THR B 46 18.96 10.41 -0.21
N PRO B 47 19.54 10.44 0.99
CA PRO B 47 19.98 9.18 1.60
C PRO B 47 18.83 8.23 1.96
N LEU B 48 17.66 8.80 2.27
CA LEU B 48 16.51 7.98 2.61
C LEU B 48 16.19 7.04 1.45
N THR B 49 16.10 7.62 0.25
CA THR B 49 15.79 6.84 -0.93
C THR B 49 16.94 5.92 -1.33
N ALA B 50 18.17 6.43 -1.23
CA ALA B 50 19.34 5.64 -1.58
C ALA B 50 19.44 4.38 -0.71
N ARG B 51 19.24 4.55 0.60
CA ARG B 51 19.32 3.42 1.52
C ARG B 51 18.17 2.43 1.31
N LEU B 52 16.97 2.94 1.11
CA LEU B 52 15.84 2.06 0.90
C LEU B 52 16.05 1.20 -0.34
N LEU B 53 16.46 1.81 -1.44
CA LEU B 53 16.68 1.06 -2.68
C LEU B 53 17.77 0.03 -2.48
N ARG B 54 18.87 0.45 -1.89
CA ARG B 54 20.01 -0.42 -1.63
C ARG B 54 19.59 -1.66 -0.83
N ASP B 55 18.80 -1.45 0.22
CA ASP B 55 18.39 -2.56 1.08
C ASP B 55 17.37 -3.54 0.52
N THR B 56 16.68 -3.18 -0.56
CA THR B 56 15.68 -4.09 -1.13
C THR B 56 16.34 -5.20 -1.94
N GLY B 57 17.50 -4.91 -2.52
CA GLY B 57 18.18 -5.90 -3.33
C GLY B 57 17.65 -5.88 -4.76
N LEU B 58 16.69 -4.99 -5.01
CA LEU B 58 16.08 -4.85 -6.33
C LEU B 58 17.06 -4.23 -7.31
N ASN B 59 16.84 -4.47 -8.59
CA ASN B 59 17.68 -3.87 -9.62
C ASN B 59 17.08 -2.50 -9.85
N TYR B 60 17.86 -1.46 -9.58
CA TYR B 60 17.36 -0.11 -9.71
C TYR B 60 18.39 0.85 -10.27
N THR B 61 17.90 2.02 -10.63
CA THR B 61 18.73 3.11 -11.11
C THR B 61 18.10 4.29 -10.37
N HIS B 62 18.93 5.02 -9.63
CA HIS B 62 18.47 6.14 -8.83
C HIS B 62 18.92 7.46 -9.45
N LEU B 63 17.97 8.23 -9.98
CA LEU B 63 18.26 9.51 -10.61
C LEU B 63 17.56 10.61 -9.83
N HIS B 64 17.79 11.87 -10.24
CA HIS B 64 17.15 13.00 -9.59
C HIS B 64 17.14 14.22 -10.51
N VAL B 65 16.07 15.00 -10.42
CA VAL B 65 15.93 16.24 -11.17
C VAL B 65 14.85 17.03 -10.44
N GLU B 66 15.17 18.28 -10.13
CA GLU B 66 14.26 19.14 -9.40
C GLU B 66 13.35 19.96 -10.30
N THR B 67 12.06 19.96 -10.00
CA THR B 67 11.09 20.72 -10.76
C THR B 67 11.14 22.18 -10.33
N PRO B 68 11.47 23.10 -11.26
CA PRO B 68 11.55 24.53 -10.95
C PRO B 68 10.17 25.16 -10.72
N ARG B 81 0.95 25.38 -15.06
CA ARG B 81 0.86 24.26 -14.13
C ARG B 81 1.12 22.93 -14.84
N ILE B 82 2.35 22.44 -14.74
CA ILE B 82 2.74 21.18 -15.37
C ILE B 82 2.45 20.00 -14.44
N PRO B 83 1.97 18.89 -15.00
CA PRO B 83 1.65 17.68 -14.24
C PRO B 83 2.76 17.23 -13.32
N ARG B 84 2.39 16.76 -12.13
CA ARG B 84 3.37 16.28 -11.16
C ARG B 84 4.18 15.10 -11.71
N GLY B 85 5.49 15.14 -11.50
CA GLY B 85 6.35 14.06 -11.95
C GLY B 85 6.83 14.12 -13.39
N THR B 86 6.33 15.08 -14.17
CA THR B 86 6.70 15.22 -15.58
C THR B 86 8.19 15.29 -15.90
N MET B 87 8.90 16.24 -15.31
CA MET B 87 10.32 16.39 -15.58
C MET B 87 11.09 15.15 -15.14
N GLN B 88 10.56 14.44 -14.16
CA GLN B 88 11.20 13.23 -13.67
C GLN B 88 10.98 12.08 -14.65
N ARG B 89 9.78 11.97 -15.21
CA ARG B 89 9.52 10.92 -16.18
C ARG B 89 10.34 11.17 -17.43
N ASN B 90 10.45 12.44 -17.82
CA ASN B 90 11.22 12.82 -19.00
C ASN B 90 12.69 12.50 -18.82
N LEU B 91 13.21 12.68 -17.61
CA LEU B 91 14.60 12.37 -17.34
C LEU B 91 14.82 10.88 -17.54
N ALA B 92 13.86 10.08 -17.09
CA ALA B 92 13.94 8.63 -17.21
C ALA B 92 13.94 8.23 -18.67
N LEU B 93 13.11 8.90 -19.48
CA LEU B 93 13.06 8.62 -20.91
C LEU B 93 14.42 8.89 -21.55
N ARG B 94 15.01 10.04 -21.24
CA ARG B 94 16.31 10.39 -21.80
C ARG B 94 17.36 9.39 -21.33
N TRP B 95 17.27 8.96 -20.06
CA TRP B 95 18.22 7.99 -19.52
C TRP B 95 18.14 6.68 -20.30
N LEU B 96 16.93 6.25 -20.63
CA LEU B 96 16.74 5.01 -21.38
C LEU B 96 17.39 5.11 -22.76
N ARG B 97 17.19 6.24 -23.41
CA ARG B 97 17.74 6.46 -24.74
C ARG B 97 19.26 6.57 -24.73
N GLU B 98 19.83 7.02 -23.62
CA GLU B 98 21.27 7.15 -23.51
C GLU B 98 21.90 5.81 -23.11
N THR B 99 21.09 4.93 -22.51
CA THR B 99 21.56 3.64 -22.04
C THR B 99 21.39 2.47 -23.02
N PHE B 100 20.32 2.51 -23.81
CA PHE B 100 20.04 1.44 -24.77
C PHE B 100 20.01 1.98 -26.20
N PRO B 101 20.72 1.33 -27.14
CA PRO B 101 20.74 1.79 -28.53
C PRO B 101 19.41 1.57 -29.24
N ARG B 102 19.09 2.44 -30.20
CA ARG B 102 17.84 2.38 -30.96
C ARG B 102 17.39 0.94 -31.26
N ASN B 103 18.14 0.25 -32.11
CA ASN B 103 17.81 -1.12 -32.47
C ASN B 103 18.63 -2.16 -31.71
N SER B 104 18.56 -2.10 -30.38
CA SER B 104 19.28 -3.03 -29.52
C SER B 104 18.61 -4.40 -29.57
N SER B 105 19.13 -5.34 -28.78
CA SER B 105 18.58 -6.69 -28.74
C SER B 105 18.01 -7.08 -27.38
N GLN B 106 18.15 -6.20 -26.39
CA GLN B 106 17.64 -6.46 -25.04
C GLN B 106 16.18 -6.02 -24.93
N PRO B 107 15.24 -6.97 -25.06
CA PRO B 107 13.81 -6.67 -24.97
C PRO B 107 13.38 -6.00 -23.67
N GLY B 108 12.55 -4.96 -23.79
CA GLY B 108 12.07 -4.25 -22.62
C GLY B 108 10.71 -3.62 -22.80
N VAL B 109 10.07 -3.32 -21.68
CA VAL B 109 8.75 -2.67 -21.65
C VAL B 109 8.90 -1.55 -20.64
N VAL B 110 8.33 -0.38 -20.95
CA VAL B 110 8.42 0.77 -20.06
C VAL B 110 7.06 1.07 -19.44
N TYR B 111 7.04 1.24 -18.12
CA TYR B 111 5.81 1.52 -17.39
C TYR B 111 6.03 2.67 -16.42
N PHE B 112 5.18 3.68 -16.50
CA PHE B 112 5.27 4.85 -15.62
C PHE B 112 4.35 4.63 -14.43
N ALA B 113 4.94 4.24 -13.31
CA ALA B 113 4.21 3.93 -12.08
C ALA B 113 4.44 4.91 -10.94
N ASP B 114 3.45 5.73 -10.64
CA ASP B 114 3.57 6.71 -9.57
C ASP B 114 3.70 5.99 -8.24
N ASP B 115 4.32 6.63 -7.25
CA ASP B 115 4.54 5.96 -5.98
C ASP B 115 3.38 5.79 -5.00
N ASP B 116 2.20 6.29 -5.33
CA ASP B 116 1.06 6.11 -4.42
C ASP B 116 -0.03 5.17 -4.94
N ASN B 117 0.06 4.75 -6.20
CA ASN B 117 -0.94 3.83 -6.78
C ASN B 117 -0.78 2.43 -6.19
N THR B 118 -1.78 1.59 -6.41
CA THR B 118 -1.73 0.20 -5.96
C THR B 118 -1.64 -0.68 -7.19
N TYR B 119 -0.67 -1.59 -7.21
CA TYR B 119 -0.47 -2.48 -8.35
C TYR B 119 -0.61 -3.96 -8.00
N SER B 120 -1.37 -4.69 -8.81
CA SER B 120 -1.53 -6.12 -8.59
C SER B 120 -0.37 -6.79 -9.32
N LEU B 121 -0.04 -8.01 -8.92
CA LEU B 121 1.04 -8.73 -9.59
C LEU B 121 0.65 -9.13 -11.00
N GLU B 122 -0.65 -9.35 -11.22
CA GLU B 122 -1.14 -9.76 -12.53
C GLU B 122 -0.93 -8.66 -13.56
N LEU B 123 -0.91 -7.43 -13.10
CA LEU B 123 -0.72 -6.27 -13.98
C LEU B 123 0.59 -6.39 -14.75
N PHE B 124 1.67 -6.72 -14.04
CA PHE B 124 2.98 -6.84 -14.68
C PHE B 124 3.05 -8.03 -15.61
N GLU B 125 2.36 -9.11 -15.29
CA GLU B 125 2.36 -10.28 -16.16
C GLU B 125 1.68 -9.87 -17.46
N GLU B 126 0.63 -9.09 -17.35
CA GLU B 126 -0.11 -8.63 -18.53
C GLU B 126 0.69 -7.71 -19.44
N MET B 127 1.44 -6.78 -18.85
CA MET B 127 2.21 -5.83 -19.66
C MET B 127 3.53 -6.36 -20.20
N ARG B 128 4.02 -7.46 -19.64
CA ARG B 128 5.31 -7.96 -20.09
C ARG B 128 5.40 -8.31 -21.57
N SER B 129 4.32 -8.81 -22.15
CA SER B 129 4.33 -9.18 -23.57
C SER B 129 4.07 -8.03 -24.55
N THR B 130 3.97 -6.80 -24.05
CA THR B 130 3.70 -5.64 -24.88
C THR B 130 4.60 -5.58 -26.12
N ARG B 131 3.96 -5.51 -27.29
CA ARG B 131 4.65 -5.47 -28.58
C ARG B 131 4.90 -4.02 -29.00
N ARG B 132 3.87 -3.19 -28.87
CA ARG B 132 3.96 -1.77 -29.20
C ARG B 132 3.52 -0.98 -27.98
N VAL B 133 2.21 -0.89 -27.76
CA VAL B 133 1.67 -0.20 -26.59
C VAL B 133 0.44 -0.96 -26.10
N SER B 134 0.41 -1.26 -24.80
CA SER B 134 -0.71 -1.98 -24.20
C SER B 134 -1.49 -1.04 -23.29
N VAL B 135 -2.78 -1.32 -23.11
CA VAL B 135 -3.64 -0.49 -22.26
C VAL B 135 -4.60 -1.37 -21.45
N TRP B 136 -5.10 -0.80 -20.36
CA TRP B 136 -6.02 -1.52 -19.48
C TRP B 136 -6.79 -0.54 -18.59
N PRO B 137 -7.85 -1.02 -17.93
CA PRO B 137 -8.66 -0.18 -17.03
C PRO B 137 -7.87 0.29 -15.80
N VAL B 138 -8.18 1.48 -15.31
CA VAL B 138 -7.53 2.04 -14.12
C VAL B 138 -8.62 2.52 -13.16
N ALA B 139 -8.61 2.05 -11.93
CA ALA B 139 -9.63 2.46 -10.96
C ALA B 139 -9.32 3.80 -10.32
N PHE B 140 -10.38 4.49 -9.92
CA PHE B 140 -10.30 5.78 -9.24
C PHE B 140 -9.66 6.92 -10.02
N VAL B 141 -10.07 7.07 -11.28
CA VAL B 141 -9.56 8.15 -12.13
C VAL B 141 -10.75 8.79 -12.86
N GLY B 142 -10.58 10.03 -13.30
CA GLY B 142 -11.65 10.72 -14.01
C GLY B 142 -12.97 10.83 -13.28
N GLY B 143 -12.92 10.84 -11.94
CA GLY B 143 -14.15 10.94 -11.15
C GLY B 143 -15.05 9.74 -11.27
N LEU B 144 -14.48 8.60 -11.65
CA LEU B 144 -15.24 7.37 -11.80
C LEU B 144 -14.63 6.24 -10.99
N ARG B 145 -15.37 5.13 -10.89
CA ARG B 145 -14.91 3.95 -10.19
C ARG B 145 -13.71 3.42 -10.97
N TYR B 146 -13.71 3.69 -12.28
CA TYR B 146 -12.62 3.27 -13.15
C TYR B 146 -12.85 3.73 -14.58
N GLU B 147 -11.75 3.97 -15.29
CA GLU B 147 -11.80 4.35 -16.69
C GLU B 147 -11.31 3.12 -17.42
N ALA B 148 -11.80 2.89 -18.63
CA ALA B 148 -11.37 1.74 -19.39
C ALA B 148 -11.42 1.98 -20.87
N PRO B 149 -10.49 1.40 -21.63
CA PRO B 149 -10.48 1.58 -23.07
C PRO B 149 -11.70 0.83 -23.61
N ARG B 150 -12.28 1.31 -24.70
CA ARG B 150 -13.43 0.64 -25.30
C ARG B 150 -12.86 -0.32 -26.35
N VAL B 151 -13.15 -1.61 -26.18
CA VAL B 151 -12.66 -2.63 -27.10
C VAL B 151 -13.81 -3.35 -27.78
N ASN B 152 -13.71 -3.54 -29.09
CA ASN B 152 -14.78 -4.22 -29.83
C ASN B 152 -14.64 -5.74 -29.75
N GLY B 153 -15.59 -6.44 -30.34
CA GLY B 153 -15.55 -7.90 -30.30
C GLY B 153 -14.32 -8.50 -30.93
N ALA B 154 -13.68 -7.76 -31.83
CA ALA B 154 -12.48 -8.22 -32.52
C ALA B 154 -11.22 -8.03 -31.66
N GLY B 155 -11.37 -7.32 -30.54
CA GLY B 155 -10.24 -7.10 -29.67
C GLY B 155 -9.42 -5.85 -29.97
N LYS B 156 -10.03 -4.90 -30.67
CA LYS B 156 -9.35 -3.66 -31.01
C LYS B 156 -9.87 -2.51 -30.17
N VAL B 157 -8.99 -1.56 -29.85
CA VAL B 157 -9.39 -0.39 -29.08
C VAL B 157 -10.02 0.56 -30.08
N VAL B 158 -11.27 0.95 -29.82
CA VAL B 158 -11.99 1.85 -30.72
C VAL B 158 -12.40 3.15 -30.06
N ARG B 159 -12.14 3.28 -28.76
CA ARG B 159 -12.50 4.48 -28.02
C ARG B 159 -12.12 4.36 -26.55
N TRP B 160 -12.66 5.26 -25.74
CA TRP B 160 -12.38 5.26 -24.31
C TRP B 160 -13.65 5.47 -23.48
N LYS B 161 -13.84 4.64 -22.48
CA LYS B 161 -15.00 4.76 -21.60
C LYS B 161 -14.67 5.68 -20.44
N THR B 162 -14.86 6.98 -20.66
CA THR B 162 -14.59 7.97 -19.61
C THR B 162 -15.66 9.04 -19.68
N VAL B 163 -15.69 9.89 -18.66
CA VAL B 163 -16.65 10.99 -18.61
C VAL B 163 -15.91 12.27 -18.95
N PHE B 164 -14.72 12.43 -18.37
CA PHE B 164 -13.93 13.62 -18.64
C PHE B 164 -13.29 13.53 -20.02
N ASP B 165 -13.63 14.50 -20.88
CA ASP B 165 -13.12 14.59 -22.24
C ASP B 165 -12.85 13.22 -22.87
N PRO B 166 -13.92 12.46 -23.14
CA PRO B 166 -13.89 11.12 -23.74
C PRO B 166 -13.22 11.00 -25.11
N HIS B 167 -13.03 12.13 -25.80
CA HIS B 167 -12.43 12.07 -27.13
C HIS B 167 -10.98 12.54 -27.24
N ARG B 168 -10.26 12.55 -26.13
CA ARG B 168 -8.87 12.95 -26.17
C ARG B 168 -8.19 11.85 -26.99
N PRO B 169 -7.06 12.16 -27.63
CA PRO B 169 -6.36 11.14 -28.43
C PRO B 169 -6.24 9.84 -27.65
N PHE B 170 -5.84 9.96 -26.39
CA PHE B 170 -5.69 8.81 -25.52
C PHE B 170 -6.21 9.19 -24.13
N ALA B 171 -7.49 8.94 -23.91
CA ALA B 171 -8.14 9.24 -22.63
C ALA B 171 -7.82 8.14 -21.63
N ILE B 172 -6.61 8.17 -21.08
CA ILE B 172 -6.19 7.15 -20.14
C ILE B 172 -5.15 7.67 -19.17
N ASP B 173 -5.20 7.19 -17.94
CA ASP B 173 -4.26 7.61 -16.91
C ASP B 173 -2.88 7.00 -17.11
N MET B 174 -1.88 7.67 -16.56
CA MET B 174 -0.48 7.26 -16.61
C MET B 174 -0.29 5.79 -16.25
N ALA B 175 -1.03 5.31 -15.25
CA ALA B 175 -0.92 3.93 -14.82
C ALA B 175 -1.65 2.92 -15.70
N GLY B 176 -2.30 3.40 -16.76
CA GLY B 176 -3.05 2.49 -17.62
C GLY B 176 -2.42 1.98 -18.90
N PHE B 177 -1.13 2.20 -19.09
CA PHE B 177 -0.49 1.73 -20.32
C PHE B 177 1.00 1.45 -20.13
N ALA B 178 1.56 0.67 -21.04
CA ALA B 178 2.98 0.34 -21.04
C ALA B 178 3.44 0.41 -22.50
N VAL B 179 4.71 0.71 -22.71
CA VAL B 179 5.26 0.86 -24.05
C VAL B 179 6.48 -0.03 -24.30
N ASN B 180 6.51 -0.75 -25.41
CA ASN B 180 7.67 -1.58 -25.68
C ASN B 180 8.85 -0.60 -25.76
N LEU B 181 9.96 -0.95 -25.13
CA LEU B 181 11.13 -0.07 -25.13
C LEU B 181 11.59 0.33 -26.53
N ARG B 182 11.46 -0.59 -27.49
CA ARG B 182 11.88 -0.30 -28.86
C ARG B 182 11.24 0.97 -29.41
N LEU B 183 9.94 1.17 -29.14
CA LEU B 183 9.24 2.35 -29.62
C LEU B 183 9.82 3.60 -28.96
N ILE B 184 10.16 3.49 -27.68
CA ILE B 184 10.74 4.60 -26.93
C ILE B 184 12.08 5.01 -27.54
N LEU B 185 12.88 4.02 -27.89
CA LEU B 185 14.20 4.28 -28.48
C LEU B 185 14.11 4.83 -29.89
N GLN B 186 13.14 4.34 -30.66
CA GLN B 186 12.96 4.79 -32.04
C GLN B 186 12.47 6.23 -32.12
N ARG B 187 11.50 6.57 -31.28
CA ARG B 187 10.96 7.93 -31.24
C ARG B 187 11.77 8.67 -30.18
N SER B 188 13.06 8.82 -30.48
CA SER B 188 14.02 9.44 -29.57
C SER B 188 13.72 10.85 -29.09
N GLN B 189 12.88 11.58 -29.81
CA GLN B 189 12.56 12.95 -29.42
C GLN B 189 11.21 13.10 -28.75
N ALA B 190 10.51 11.99 -28.54
CA ALA B 190 9.20 12.04 -27.91
C ALA B 190 9.29 12.07 -26.38
N TYR B 191 8.80 13.16 -25.80
CA TYR B 191 8.81 13.35 -24.35
C TYR B 191 7.44 13.85 -23.92
N PHE B 192 7.16 13.79 -22.63
CA PHE B 192 5.88 14.29 -22.13
C PHE B 192 5.93 15.80 -22.25
N LYS B 193 4.84 16.39 -22.71
CA LYS B 193 4.77 17.84 -22.87
C LYS B 193 4.63 18.48 -21.50
N LEU B 194 5.33 19.60 -21.29
CA LEU B 194 5.23 20.30 -20.01
C LEU B 194 4.77 21.73 -20.24
N ARG B 195 5.03 22.24 -21.44
CA ARG B 195 4.66 23.60 -21.79
C ARG B 195 3.14 23.71 -21.92
N GLY B 196 2.64 23.75 -23.15
CA GLY B 196 1.21 23.86 -23.38
C GLY B 196 0.49 22.55 -23.10
N VAL B 197 0.32 22.23 -21.83
CA VAL B 197 -0.35 20.99 -21.42
C VAL B 197 -1.81 21.26 -21.06
N LYS B 198 -2.72 20.56 -21.71
CA LYS B 198 -4.15 20.71 -21.44
C LYS B 198 -4.57 19.72 -20.37
N GLY B 199 -5.72 19.98 -19.75
CA GLY B 199 -6.22 19.10 -18.71
C GLY B 199 -6.33 17.64 -19.11
N GLY B 200 -5.48 16.80 -18.54
CA GLY B 200 -5.50 15.38 -18.84
C GLY B 200 -5.08 15.03 -20.26
N TYR B 201 -4.22 15.87 -20.84
CA TYR B 201 -3.75 15.64 -22.19
C TYR B 201 -2.29 15.19 -22.25
N GLN B 202 -1.63 15.17 -21.10
CA GLN B 202 -0.22 14.78 -21.06
C GLN B 202 0.04 13.36 -21.57
N GLU B 203 -0.81 12.40 -21.21
CA GLU B 203 -0.61 11.04 -21.68
C GLU B 203 -0.66 11.01 -23.21
N SER B 204 -1.60 11.76 -23.78
CA SER B 204 -1.76 11.84 -25.23
C SER B 204 -0.55 12.51 -25.89
N SER B 205 0.02 13.50 -25.23
CA SER B 205 1.17 14.22 -25.80
C SER B 205 2.31 13.27 -26.15
N LEU B 206 2.40 12.17 -25.41
CA LEU B 206 3.47 11.20 -25.68
C LEU B 206 3.00 10.05 -26.57
N LEU B 207 1.90 9.42 -26.19
CA LEU B 207 1.36 8.30 -26.94
C LEU B 207 1.04 8.58 -28.41
N ARG B 208 0.55 9.78 -28.67
CA ARG B 208 0.20 10.21 -30.03
C ARG B 208 1.42 10.10 -30.95
N GLU B 209 2.60 10.35 -30.40
CA GLU B 209 3.84 10.29 -31.16
C GLU B 209 4.38 8.87 -31.30
N LEU B 210 3.89 7.95 -30.46
CA LEU B 210 4.37 6.58 -30.45
C LEU B 210 3.51 5.51 -31.11
N VAL B 211 2.20 5.66 -31.05
CA VAL B 211 1.33 4.61 -31.56
C VAL B 211 -0.03 5.16 -31.98
N THR B 212 -0.77 4.38 -32.77
CA THR B 212 -2.10 4.80 -33.19
C THR B 212 -3.11 3.93 -32.45
N LEU B 213 -4.30 4.45 -32.24
CA LEU B 213 -5.35 3.75 -31.50
C LEU B 213 -5.51 2.29 -31.89
N ASN B 214 -5.60 2.03 -33.19
CA ASN B 214 -5.80 0.67 -33.67
C ASN B 214 -4.66 -0.30 -33.39
N ASP B 215 -3.48 0.21 -33.01
CA ASP B 215 -2.35 -0.65 -32.72
C ASP B 215 -2.20 -0.96 -31.22
N LEU B 216 -3.09 -0.39 -30.41
CA LEU B 216 -3.04 -0.63 -28.98
C LEU B 216 -3.39 -2.08 -28.69
N GLU B 217 -2.78 -2.64 -27.65
CA GLU B 217 -3.01 -4.01 -27.25
C GLU B 217 -3.78 -4.03 -25.94
N PRO B 218 -5.09 -4.33 -25.99
CA PRO B 218 -5.93 -4.37 -24.79
C PRO B 218 -5.58 -5.53 -23.87
N LYS B 219 -5.39 -5.22 -22.59
CA LYS B 219 -5.06 -6.23 -21.60
C LYS B 219 -6.20 -6.39 -20.61
N ALA B 220 -5.98 -7.20 -19.58
CA ALA B 220 -6.99 -7.42 -18.55
C ALA B 220 -8.28 -7.95 -19.17
N ALA B 221 -8.18 -9.07 -19.89
CA ALA B 221 -9.34 -9.69 -20.53
C ALA B 221 -10.16 -8.71 -21.36
N ASN B 222 -9.52 -8.10 -22.35
CA ASN B 222 -10.17 -7.12 -23.22
C ASN B 222 -10.69 -5.93 -22.42
N CYS B 223 -9.91 -5.53 -21.44
CA CYS B 223 -10.24 -4.39 -20.59
C CYS B 223 -11.57 -4.49 -19.85
N THR B 224 -11.78 -5.64 -19.22
CA THR B 224 -12.99 -5.88 -18.44
C THR B 224 -12.64 -6.06 -16.96
N LYS B 225 -11.36 -6.07 -16.63
CA LYS B 225 -10.92 -6.25 -15.25
C LYS B 225 -10.03 -5.11 -14.78
N ILE B 226 -10.05 -4.86 -13.47
CA ILE B 226 -9.25 -3.80 -12.86
C ILE B 226 -8.06 -4.41 -12.16
N LEU B 227 -6.86 -4.11 -12.65
CA LEU B 227 -5.63 -4.67 -12.10
C LEU B 227 -4.71 -3.63 -11.44
N VAL B 228 -5.10 -2.37 -11.52
CA VAL B 228 -4.32 -1.28 -10.95
C VAL B 228 -5.29 -0.24 -10.40
N TRP B 229 -4.95 0.35 -9.25
CA TRP B 229 -5.84 1.31 -8.62
C TRP B 229 -5.14 2.65 -8.35
N HIS B 230 -5.82 3.74 -8.69
CA HIS B 230 -5.27 5.08 -8.49
C HIS B 230 -5.53 5.58 -7.08
N THR B 231 -5.01 4.84 -6.10
CA THR B 231 -5.16 5.20 -4.69
C THR B 231 -4.35 6.44 -4.36
N ARG B 232 -4.82 7.19 -3.36
CA ARG B 232 -4.16 8.41 -2.91
C ARG B 232 -3.97 8.27 -1.40
N THR B 233 -2.89 8.81 -0.86
CA THR B 233 -2.62 8.72 0.57
C THR B 233 -2.87 10.03 1.31
N GLU B 234 -3.64 9.95 2.39
CA GLU B 234 -3.96 11.12 3.19
C GLU B 234 -2.71 11.73 3.84
N LYS B 235 -2.73 13.05 3.99
CA LYS B 235 -1.62 13.76 4.61
C LYS B 235 -1.69 13.55 6.13
N PRO B 236 -0.58 13.11 6.74
CA PRO B 236 -0.61 12.90 8.20
C PRO B 236 -0.70 14.19 9.00
N VAL B 237 -1.42 14.13 10.11
CA VAL B 237 -1.58 15.29 10.99
C VAL B 237 -0.39 15.33 11.95
N LEU B 238 0.41 16.39 11.85
CA LEU B 238 1.58 16.53 12.70
C LEU B 238 1.46 17.71 13.66
N VAL B 239 0.22 18.10 13.95
CA VAL B 239 -0.03 19.24 14.82
C VAL B 239 0.64 19.14 16.20
N ASN B 240 0.71 17.94 16.78
CA ASN B 240 1.32 17.82 18.10
C ASN B 240 2.84 17.97 18.14
N GLU B 241 3.47 18.15 16.98
CA GLU B 241 4.90 18.34 16.94
C GLU B 241 5.18 19.79 17.38
N GLY B 242 4.17 20.63 17.27
CA GLY B 242 4.32 22.02 17.66
C GLY B 242 5.31 22.75 16.75
N LYS B 243 5.64 23.98 17.11
CA LYS B 243 6.59 24.78 16.32
C LYS B 243 8.03 24.40 16.63
N LYS B 244 8.23 23.79 17.80
CA LYS B 244 9.57 23.39 18.23
C LYS B 244 9.92 21.94 17.89
N GLY B 245 8.91 21.14 17.58
CA GLY B 245 9.15 19.75 17.26
C GLY B 245 9.18 18.92 18.53
N PHE B 246 8.52 17.76 18.51
CA PHE B 246 8.49 16.89 19.68
C PHE B 246 9.37 15.66 19.50
N THR B 247 9.23 15.00 18.37
CA THR B 247 10.02 13.80 18.09
C THR B 247 11.44 14.15 17.70
N ASP B 248 12.29 13.14 17.60
CA ASP B 248 13.68 13.34 17.21
C ASP B 248 13.74 13.50 15.69
N PRO B 249 14.23 14.66 15.21
CA PRO B 249 14.32 14.91 13.77
C PRO B 249 15.29 13.98 13.05
N SER B 250 16.21 13.37 13.79
CA SER B 250 17.18 12.46 13.19
C SER B 250 16.63 11.04 13.02
N VAL B 251 15.43 10.79 13.56
CA VAL B 251 14.79 9.48 13.41
C VAL B 251 14.00 9.51 12.10
N GLU B 252 14.41 8.66 11.16
CA GLU B 252 13.79 8.61 9.84
C GLU B 252 12.44 7.90 9.80
N ILE B 253 11.47 8.54 9.15
CA ILE B 253 10.14 7.97 8.97
C ILE B 253 9.81 7.95 7.48
MN MN C . -6.25 2.91 9.52
O1 TLA D . 5.78 12.54 29.94
O11 TLA D . 5.96 10.38 30.33
C1 TLA D . 6.20 11.41 29.65
C2 TLA D . 7.05 11.23 28.40
O2 TLA D . 7.37 9.87 28.20
C3 TLA D . 8.31 12.06 28.55
O3 TLA D . 9.00 11.75 29.74
C4 TLA D . 9.17 11.90 27.34
O4 TLA D . 8.78 12.33 26.24
O41 TLA D . 10.27 11.30 27.43
N1 UDP E . -13.08 -1.20 9.73
C2 UDP E . -14.16 -2.13 9.81
N3 UDP E . -15.45 -1.60 9.77
C4 UDP E . -15.86 -0.24 9.67
C5 UDP E . -14.70 0.82 9.58
C6 UDP E . -13.32 0.20 9.61
O2 UDP E . -13.96 -3.36 9.91
O4 UDP E . -17.06 0.01 9.66
C1' UDP E . -11.69 -1.77 9.76
C2' UDP E . -10.70 -1.13 8.75
O2' UDP E . -10.69 -1.81 7.49
C3' UDP E . -9.37 -1.13 9.50
C4' UDP E . -9.82 -0.92 10.98
O4' UDP E . -11.12 -1.60 11.06
O3' UDP E . -8.75 -2.42 9.29
C5' UDP E . -10.09 0.55 11.46
O5' UDP E . -9.39 1.41 10.60
PA UDP E . -9.76 2.72 9.87
O1A UDP E . -10.86 3.62 10.35
O2A UDP E . -8.60 3.22 9.02
O3A UDP E . -9.00 3.26 11.19
PB UDP E . -8.22 4.66 11.46
O1B UDP E . -7.68 4.52 12.96
O2B UDP E . -9.26 5.70 11.31
O3B UDP E . -6.99 4.75 10.60
MN MN F . -0.97 9.54 -7.31
N1 UDP G . 5.63 13.86 -7.50
C2 UDP G . 6.88 14.50 -7.64
N3 UDP G . 6.98 15.83 -7.21
C4 UDP G . 5.97 16.65 -6.62
C5 UDP G . 4.56 15.98 -6.45
C6 UDP G . 4.51 14.55 -6.93
O2 UDP G . 7.87 13.92 -8.14
O4 UDP G . 6.27 17.81 -6.32
C1' UDP G . 5.52 12.43 -7.96
C2' UDP G . 4.70 11.51 -7.01
O2' UDP G . 5.52 10.88 -6.03
C3' UDP G . 4.00 10.56 -7.96
C4' UDP G . 3.77 11.44 -9.23
O4' UDP G . 4.91 12.35 -9.24
O3' UDP G . 4.90 9.45 -8.22
C5' UDP G . 2.50 12.36 -9.25
O5' UDP G . 1.60 11.83 -8.31
PA UDP G . 0.82 12.43 -7.12
O1A UDP G . 0.50 13.88 -7.02
O2A UDP G . -0.01 11.38 -6.42
O3A UDP G . -0.26 12.46 -8.32
PB UDP G . -1.88 12.44 -8.29
O1B UDP G . -2.28 12.45 -9.82
O2B UDP G . -2.25 13.70 -7.60
O3B UDP G . -2.40 11.15 -7.73
#